data_2DDE
#
_entry.id   2DDE
#
_cell.length_a   1.000
_cell.length_b   1.000
_cell.length_c   1.000
_cell.angle_alpha   90.00
_cell.angle_beta   90.00
_cell.angle_gamma   90.00
#
_symmetry.space_group_name_H-M   'P 1'
#
loop_
_entity.id
_entity.type
_entity.pdbx_description
1 polymer 'LANTIBIOTIC CINNAMYCIN'
2 non-polymer '(7S)-4,7-DIHYDROXY-10-OXO-3,5,9-TRIOXA-4-PHOSPHAUNDECAN-1-AMINIUM 4-OXIDE'
#
_entity_poly.entity_id   1
_entity_poly.type   'polypeptide(L)'
_entity_poly.pdbx_seq_one_letter_code
;CRQ(DAL)CSFGPF(DBB)FVC(BH2)GN(DBB)K
;
_entity_poly.pdbx_strand_id   A
#
loop_
_chem_comp.id
_chem_comp.type
_chem_comp.name
_chem_comp.formula
LSP non-polymer '(7S)-4,7-DIHYDROXY-10-OXO-3,5,9-TRIOXA-4-PHOSPHAUNDECAN-1-AMINIUM 4-OXIDE' 'C7 H17 N O7 P 1'
#
# COMPACT_ATOMS: atom_id res chain seq x y z
N CYS A 1 3.28 -9.48 6.49
CA CYS A 1 2.24 -8.77 5.68
C CYS A 1 2.81 -8.45 4.29
N ARG A 2 1.99 -7.97 3.41
CA ARG A 2 2.49 -7.63 2.04
C ARG A 2 2.39 -6.13 1.83
N GLN A 3 3.07 -5.60 0.85
CA GLN A 3 3.01 -4.14 0.60
C GLN A 3 2.41 -3.87 -0.78
N DAL A 4 1.24 -3.28 -0.82
CA DAL A 4 0.56 -2.96 -2.13
CB DAL A 4 1.59 -2.75 -3.24
C DAL A 4 -0.24 -1.68 -1.96
O DAL A 4 -1.23 -1.47 -2.64
H DAL A 4 0.80 -3.03 0.02
HA DAL A 4 -0.10 -3.78 -2.39
HB1 DAL A 4 2.03 -3.70 -3.52
HB2 DAL A 4 1.09 -2.32 -4.10
N CYS A 5 0.16 -0.82 -1.07
CA CYS A 5 -0.60 0.45 -0.87
C CYS A 5 -2.03 0.13 -0.43
N SER A 6 -2.32 0.28 0.82
CA SER A 6 -3.70 -0.01 1.30
C SER A 6 -4.47 1.31 1.44
N PHE A 7 -3.78 2.40 1.41
CA PHE A 7 -4.46 3.72 1.53
C PHE A 7 -3.88 4.70 0.51
N GLY A 8 -3.93 4.34 -0.75
CA GLY A 8 -3.37 5.25 -1.80
C GLY A 8 -4.49 5.67 -2.76
N PRO A 9 -4.11 6.40 -3.78
CA PRO A 9 -5.05 6.88 -4.80
C PRO A 9 -5.42 5.76 -5.77
N PHE A 10 -4.49 4.90 -6.07
CA PHE A 10 -4.78 3.77 -7.00
C PHE A 10 -4.55 2.44 -6.29
N DBB A 11 -3.31 2.07 -6.08
CA DBB A 11 -3.03 0.78 -5.38
C DBB A 11 -1.79 0.11 -5.97
O DBB A 11 -1.69 -1.09 -6.03
CB DBB A 11 -2.81 1.06 -3.90
CG DBB A 11 -4.00 1.84 -3.34
H DBB A 11 -2.58 2.63 -6.39
HA DBB A 11 -3.88 0.12 -5.50
HB2 DBB A 11 -2.72 0.11 -3.37
HG1 DBB A 11 -3.77 2.15 -2.32
HG2 DBB A 11 -4.18 2.70 -3.96
HG3 DBB A 11 -4.88 1.21 -3.33
N PHE A 12 -0.83 0.88 -6.43
CA PHE A 12 0.39 0.27 -7.01
C PHE A 12 1.64 0.99 -6.50
N VAL A 13 1.47 1.97 -5.66
CA VAL A 13 2.66 2.71 -5.12
C VAL A 13 3.21 1.95 -3.91
N CYS A 14 2.37 1.63 -2.96
CA CYS A 14 2.83 0.90 -1.76
C CYS A 14 3.50 1.90 -0.79
C BH2 A 15 3.16 3.11 2.32
N BH2 A 15 2.71 2.63 -0.06
O BH2 A 15 3.31 3.85 3.28
CA BH2 A 15 3.29 3.63 0.88
CB BH2 A 15 2.52 5.00 0.75
OB BH2 A 15 1.41 4.94 1.73
CG BH2 A 15 3.29 6.26 0.60
OD1 BH2 A 15 3.97 6.39 -0.41
OD2 BH2 A 15 3.22 7.09 1.49
HA BH2 A 15 4.32 3.78 0.65
H2 BH2 A 15 1.74 2.54 -0.14
HB BH2 A 15 2.20 5.14 -0.16
HOB BH2 A 15 0.72 4.37 1.36
N GLY A 16 2.88 1.84 2.49
CA GLY A 16 2.75 1.29 3.86
C GLY A 16 2.42 -0.20 3.79
N ASN A 17 2.39 -0.87 4.91
CA ASN A 17 2.07 -2.32 4.90
C ASN A 17 1.08 -2.65 6.02
N DBB A 18 0.59 -3.86 6.07
CA DBB A 18 -0.38 -4.22 7.13
C DBB A 18 -1.71 -4.62 6.50
O DBB A 18 -2.74 -4.67 7.16
CB DBB A 18 0.17 -5.40 7.94
CG DBB A 18 1.58 -5.06 8.43
H DBB A 18 0.87 -4.52 5.40
HA DBB A 18 -0.54 -3.37 7.79
HB2 DBB A 18 -0.47 -5.57 8.80
HG1 DBB A 18 1.57 -4.83 9.48
HG2 DBB A 18 2.23 -5.91 8.26
HG3 DBB A 18 1.95 -4.20 7.88
N LYS A 19 -1.71 -4.90 5.23
CA LYS A 19 -2.97 -5.30 4.54
C LYS A 19 -2.65 -6.16 3.33
N LSP B . -0.32 4.56 -1.14
C12 LSP B . 0.04 5.75 -2.00
C11 LSP B . 0.10 7.02 -1.15
P LSP B . -0.07 9.46 -2.21
O12 LSP B . 1.32 9.59 -1.72
O14 LSP B . -1.00 10.55 -1.87
O11 LSP B . -0.04 9.30 -3.80
O13 LSP B . -0.69 8.05 -1.75
C1 LSP B . 1.04 8.62 -4.46
C2 LSP B . 0.59 8.13 -5.85
O21 LSP B . -0.29 9.09 -6.43
C3 LSP B . 1.76 7.88 -6.81
O31 LSP B . 2.36 9.14 -7.16
C31 LSP B . 3.12 9.05 -8.27
O32 LSP B . 2.69 8.88 -9.40
C32 LSP B . 4.59 9.16 -7.91
HN1 LSP B . -1.19 4.77 -0.61
HN2 LSP B . -0.48 3.73 -1.75
HN3 LSP B . 0.45 4.36 -0.48
H121 LSP B . -0.71 5.85 -2.80
H122 LSP B . 1.03 5.55 -2.46
H111 LSP B . -0.30 6.81 -0.13
H112 LSP B . 1.15 7.37 -1.05
H11 LSP B . 1.90 9.33 -4.57
H12 LSP B . 1.37 7.76 -3.85
H2 LSP B . 0.03 7.17 -5.72
H31 LSP B . 2.52 7.24 -6.32
H32 LSP B . 1.37 7.38 -7.72
H321 LSP B . 4.74 9.95 -7.14
H322 LSP B . 5.18 9.41 -8.82
H323 LSP B . 4.95 8.19 -7.48
N CYS A 1 2.35 -8.67 6.56
CA CYS A 1 2.06 -7.26 6.19
C CYS A 1 2.45 -7.00 4.74
N ARG A 2 3.68 -7.27 4.38
CA ARG A 2 4.11 -7.04 2.97
C ARG A 2 3.76 -5.61 2.56
N GLN A 3 3.74 -5.33 1.29
CA GLN A 3 3.40 -3.96 0.84
C GLN A 3 2.53 -4.02 -0.42
N DAL A 4 1.36 -3.44 -0.36
CA DAL A 4 0.42 -3.44 -1.55
CB DAL A 4 1.21 -3.52 -2.86
C DAL A 4 -0.39 -2.14 -1.55
O DAL A 4 -1.40 -2.04 -2.21
H DAL A 4 1.08 -2.99 0.46
HA DAL A 4 -0.24 -4.28 -1.48
HB1 DAL A 4 1.62 -4.50 -2.98
HB2 DAL A 4 0.54 -3.29 -3.68
N CYS A 5 0.04 -1.17 -0.81
CA CYS A 5 -0.71 0.13 -0.77
C CYS A 5 -2.18 -0.16 -0.50
N SER A 6 -2.58 -0.15 0.76
CA SER A 6 -3.99 -0.42 1.10
C SER A 6 -4.68 0.88 1.53
N PHE A 7 -4.01 1.99 1.37
CA PHE A 7 -4.62 3.29 1.77
C PHE A 7 -4.29 4.36 0.73
N GLY A 8 -4.32 4.01 -0.53
CA GLY A 8 -4.00 5.02 -1.57
C GLY A 8 -5.18 5.15 -2.52
N PRO A 9 -5.11 6.16 -3.38
CA PRO A 9 -6.17 6.43 -4.37
C PRO A 9 -6.05 5.45 -5.54
N PHE A 10 -4.85 5.03 -5.85
CA PHE A 10 -4.66 4.08 -6.98
C PHE A 10 -4.51 2.66 -6.43
N DBB A 11 -3.34 2.30 -5.96
CA DBB A 11 -3.15 0.94 -5.40
C DBB A 11 -1.95 0.25 -6.07
O DBB A 11 -1.92 -0.96 -6.21
CB DBB A 11 -2.92 1.04 -3.89
CG DBB A 11 -3.95 2.00 -3.29
H DBB A 11 -2.60 2.93 -5.99
HA DBB A 11 -4.04 0.36 -5.58
HB2 DBB A 11 -3.03 0.07 -3.45
HG1 DBB A 11 -3.83 2.01 -2.21
HG2 DBB A 11 -3.80 2.99 -3.67
HG3 DBB A 11 -4.94 1.66 -3.54
N PHE A 12 -0.96 1.00 -6.47
CA PHE A 12 0.22 0.37 -7.12
C PHE A 12 1.52 1.01 -6.61
N VAL A 13 1.41 1.89 -5.64
CA VAL A 13 2.63 2.55 -5.09
C VAL A 13 3.16 1.74 -3.91
N CYS A 14 2.28 1.07 -3.20
CA CYS A 14 2.73 0.26 -2.03
C CYS A 14 3.51 1.13 -1.05
C BH2 A 15 2.79 2.62 2.15
N BH2 A 15 2.81 1.84 -0.20
O BH2 A 15 2.92 3.48 2.99
CA BH2 A 15 3.51 2.70 0.79
CB BH2 A 15 3.51 4.20 0.29
OB BH2 A 15 2.12 4.67 0.42
CG BH2 A 15 4.62 5.10 0.69
OD1 BH2 A 15 4.49 6.30 0.50
OD2 BH2 A 15 5.61 4.60 1.19
HA BH2 A 15 4.53 2.37 0.91
H2 BH2 A 15 1.83 1.80 -0.21
HB BH2 A 15 3.84 4.28 -0.63
HOB BH2 A 15 2.03 5.11 1.28
N GLY A 16 2.02 1.58 2.35
CA GLY A 16 1.30 1.44 3.65
C GLY A 16 2.20 0.76 4.68
N ASN A 17 2.02 1.07 5.93
CA ASN A 17 2.88 0.44 6.98
C ASN A 17 2.10 -0.68 7.67
N DBB A 18 1.91 -1.79 7.00
CA DBB A 18 1.15 -2.91 7.62
C DBB A 18 0.11 -3.41 6.63
O DBB A 18 -1.00 -3.74 7.00
CB DBB A 18 2.12 -4.05 7.97
CG DBB A 18 3.17 -3.54 8.96
H DBB A 18 2.28 -1.87 6.09
HA DBB A 18 0.67 -2.56 8.51
HB2 DBB A 18 1.57 -4.86 8.42
HG1 DBB A 18 4.07 -3.27 8.42
HG2 DBB A 18 2.78 -2.67 9.48
HG3 DBB A 18 3.39 -4.31 9.67
N LYS A 19 0.45 -3.50 5.37
CA LYS A 19 -0.53 -3.98 4.36
C LYS A 19 0.08 -3.86 2.96
N LSP B . -0.16 3.59 -0.51
C12 LSP B . 0.22 4.55 -1.62
C11 LSP B . -0.37 5.93 -1.33
P LSP B . 0.26 8.43 -1.94
O12 LSP B . 1.31 9.36 -1.46
O14 LSP B . -1.14 8.72 -1.55
O11 LSP B . 0.35 8.33 -3.53
O13 LSP B . 0.63 6.94 -1.49
C1 LSP B . -0.77 7.89 -4.31
C2 LSP B . -0.29 7.61 -5.75
O21 LSP B . -1.35 7.02 -6.48
C3 LSP B . 0.19 8.88 -6.48
O31 LSP B . 1.19 9.58 -5.72
C31 LSP B . 1.08 10.93 -5.72
O32 LSP B . 0.10 11.57 -5.39
C32 LSP B . 2.39 11.54 -6.20
HN1 LSP B . -1.18 3.41 -0.56
HN2 LSP B . 0.35 2.69 -0.64
HN3 LSP B . 0.08 4.00 0.40
H121 LSP B . -0.19 4.15 -2.57
H122 LSP B . 1.33 4.59 -1.67
H111 LSP B . -1.22 6.13 -2.02
H112 LSP B . -0.76 5.96 -0.29
H11 LSP B . -1.19 6.96 -3.87
H12 LSP B . -1.55 8.67 -4.31
H2 LSP B . 0.53 6.86 -5.67
H31 LSP B . 0.62 8.60 -7.47
H32 LSP B . -0.71 9.52 -6.67
H321 LSP B . 2.61 12.47 -5.63
H322 LSP B . 2.32 11.79 -7.28
H323 LSP B . 3.23 10.82 -6.05
N CYS A 1 0.42 -6.59 8.06
CA CYS A 1 0.38 -5.15 7.69
C CYS A 1 0.45 -5.00 6.17
N ARG A 2 -0.46 -4.28 5.59
CA ARG A 2 -0.45 -4.11 4.11
C ARG A 2 0.79 -3.29 3.70
N GLN A 3 1.75 -3.93 3.09
CA GLN A 3 2.97 -3.20 2.67
C GLN A 3 2.97 -3.04 1.15
N DAL A 4 1.81 -2.76 0.58
CA DAL A 4 1.68 -2.58 -0.90
CB DAL A 4 3.01 -2.13 -1.51
C DAL A 4 0.61 -1.52 -1.16
O DAL A 4 -0.25 -1.70 -1.99
H DAL A 4 1.02 -2.67 1.15
HA DAL A 4 1.38 -3.52 -1.35
HB1 DAL A 4 3.42 -1.32 -0.93
HB2 DAL A 4 3.70 -2.95 -1.53
N CYS A 5 0.68 -0.42 -0.47
CA CYS A 5 -0.34 0.66 -0.68
C CYS A 5 -1.71 0.18 -0.19
N SER A 6 -2.10 0.56 0.98
CA SER A 6 -3.42 0.12 1.50
C SER A 6 -4.36 1.34 1.63
N PHE A 7 -3.83 2.51 1.41
CA PHE A 7 -4.68 3.74 1.51
C PHE A 7 -4.45 4.63 0.29
N GLY A 8 -4.39 4.04 -0.88
CA GLY A 8 -4.17 4.85 -2.10
C GLY A 8 -5.26 4.52 -3.14
N PRO A 9 -5.62 5.51 -3.91
CA PRO A 9 -6.66 5.36 -4.95
C PRO A 9 -6.09 4.63 -6.18
N PHE A 10 -4.81 4.34 -6.17
CA PHE A 10 -4.21 3.63 -7.33
C PHE A 10 -4.05 2.15 -6.99
N DBB A 11 -3.01 1.81 -6.26
CA DBB A 11 -2.80 0.38 -5.90
C DBB A 11 -1.53 -0.14 -6.58
O DBB A 11 -1.19 -1.30 -6.48
CB DBB A 11 -2.66 0.27 -4.38
CG DBB A 11 -3.75 1.11 -3.70
H DBB A 11 -2.38 2.50 -5.97
HA DBB A 11 -3.64 -0.20 -6.23
HB2 DBB A 11 -2.77 -0.76 -4.08
HG1 DBB A 11 -3.68 0.99 -2.63
HG2 DBB A 11 -3.61 2.15 -3.96
HG3 DBB A 11 -4.72 0.77 -4.04
N PHE A 12 -0.81 0.72 -7.26
CA PHE A 12 0.44 0.27 -7.93
C PHE A 12 1.62 1.08 -7.40
N VAL A 13 1.35 2.04 -6.55
CA VAL A 13 2.45 2.87 -5.98
C VAL A 13 3.09 2.13 -4.81
N CYS A 14 2.31 1.75 -3.84
CA CYS A 14 2.88 1.02 -2.67
C CYS A 14 3.66 1.99 -1.79
C BH2 A 15 3.34 3.55 1.27
N BH2 A 15 2.99 2.83 -1.07
O BH2 A 15 3.68 4.32 2.15
CA BH2 A 15 3.70 3.80 -0.20
CB BH2 A 15 3.30 5.28 -0.58
OB BH2 A 15 1.83 5.27 -0.74
CG BH2 A 15 3.95 6.43 0.11
OD1 BH2 A 15 3.52 7.54 -0.09
OD2 BH2 A 15 4.90 6.19 0.83
HA BH2 A 15 4.77 3.68 -0.32
H2 BH2 A 15 2.01 2.83 -1.08
HB BH2 A 15 3.76 5.57 -1.39
HOB BH2 A 15 1.60 5.87 -1.45
N GLY A 16 2.65 2.48 1.55
CA GLY A 16 2.25 2.17 2.94
C GLY A 16 3.06 0.97 3.45
N ASN A 17 3.87 1.17 4.45
CA ASN A 17 4.68 0.03 4.98
C ASN A 17 4.68 0.07 6.52
N DBB A 18 4.16 -0.95 7.14
CA DBB A 18 4.14 -0.97 8.63
C DBB A 18 2.75 -0.54 9.12
O DBB A 18 2.62 0.15 10.11
CB DBB A 18 4.45 -2.39 9.12
CG DBB A 18 5.70 -2.91 8.42
H DBB A 18 3.79 -1.69 6.63
HA DBB A 18 4.88 -0.29 9.02
HB2 DBB A 18 4.61 -2.37 10.19
HG1 DBB A 18 5.95 -3.88 8.80
HG2 DBB A 18 5.52 -2.96 7.36
HG3 DBB A 18 6.52 -2.23 8.61
N LYS A 19 1.72 -0.96 8.43
CA LYS A 19 0.34 -0.58 8.86
C LYS A 19 -0.06 -1.40 10.08
N LSP B . -0.26 3.93 -1.52
C12 LSP B . -0.57 5.00 -2.53
C11 LSP B . -1.04 6.28 -1.82
P LSP B . -1.87 8.55 -2.83
O12 LSP B . -1.66 9.17 -1.50
O14 LSP B . -3.00 9.03 -3.66
O11 LSP B . -0.52 8.64 -3.67
O13 LSP B . -2.00 6.95 -2.63
C1 LSP B . -0.52 8.29 -5.05
C2 LSP B . 0.91 8.10 -5.59
O21 LSP B . 0.88 7.89 -6.99
C3 LSP B . 1.86 9.29 -5.29
O31 LSP B . 2.63 9.00 -4.12
C31 LSP B . 3.21 10.09 -3.60
O32 LSP B . 2.62 11.06 -3.12
C32 LSP B . 4.72 9.96 -3.68
HN1 LSP B . 0.74 3.62 -1.63
HN2 LSP B . -0.39 4.30 -0.55
HN3 LSP B . -0.88 3.12 -1.66
H121 LSP B . -1.36 4.62 -3.20
H122 LSP B . 0.36 5.20 -3.11
H111 LSP B . -1.49 6.04 -0.85
H112 LSP B . -0.17 6.96 -1.66
H11 LSP B . -1.08 7.34 -5.19
H12 LSP B . -1.04 9.08 -5.63
H2 LSP B . 1.35 7.19 -5.13
H31 LSP B . 2.53 9.45 -6.16
H32 LSP B . 1.26 10.21 -5.13
H321 LSP B . 5.15 9.86 -2.66
H322 LSP B . 5.16 10.86 -4.16
H323 LSP B . 5.00 9.06 -4.28
N CYS A 1 5.06 -9.10 8.23
CA CYS A 1 4.18 -8.02 7.71
C CYS A 1 4.32 -7.93 6.19
N ARG A 2 3.38 -7.31 5.53
CA ARG A 2 3.47 -7.18 4.05
C ARG A 2 3.59 -5.70 3.67
N GLN A 3 4.03 -5.43 2.48
CA GLN A 3 4.17 -4.01 2.05
C GLN A 3 3.60 -3.84 0.65
N DAL A 4 2.40 -3.31 0.54
CA DAL A 4 1.74 -3.09 -0.78
CB DAL A 4 2.79 -2.86 -1.89
C DAL A 4 0.86 -1.85 -0.69
O DAL A 4 0.90 -1.11 0.27
H DAL A 4 1.92 -3.06 1.36
HA DAL A 4 1.14 -3.95 -1.04
HB1 DAL A 4 3.29 -3.79 -2.12
HB2 DAL A 4 2.29 -2.49 -2.77
N CYS A 5 0.05 -1.61 -1.70
CA CYS A 5 -0.84 -0.41 -1.66
C CYS A 5 -1.99 -0.67 -0.69
N SER A 6 -1.98 -0.05 0.46
CA SER A 6 -3.09 -0.27 1.44
C SER A 6 -4.08 0.89 1.36
N PHE A 7 -3.59 2.10 1.32
CA PHE A 7 -4.51 3.27 1.24
C PHE A 7 -4.00 4.26 0.20
N GLY A 8 -4.74 4.49 -0.84
CA GLY A 8 -4.29 5.45 -1.89
C GLY A 8 -5.44 5.72 -2.87
N PRO A 9 -5.23 6.65 -3.76
CA PRO A 9 -6.22 7.04 -4.77
C PRO A 9 -6.26 6.01 -5.91
N PHE A 10 -5.13 5.44 -6.25
CA PHE A 10 -5.11 4.42 -7.33
C PHE A 10 -5.09 3.03 -6.73
N DBB A 11 -3.93 2.55 -6.36
CA DBB A 11 -3.85 1.19 -5.75
C DBB A 11 -2.62 0.44 -6.29
O DBB A 11 -2.63 -0.78 -6.40
CB DBB A 11 -3.75 1.33 -4.23
CG DBB A 11 -2.77 2.47 -3.89
H DBB A 11 -3.12 3.08 -6.48
HA DBB A 11 -4.75 0.63 -6.00
HB2 DBB A 11 -4.72 1.57 -3.82
HG1 DBB A 11 -3.19 3.40 -4.24
HG2 DBB A 11 -2.63 2.51 -2.82
HG3 DBB A 11 -1.84 2.29 -4.38
N PHE A 12 -1.57 1.13 -6.63
CA PHE A 12 -0.36 0.45 -7.15
C PHE A 12 0.89 1.11 -6.57
N VAL A 13 0.71 1.95 -5.59
CA VAL A 13 1.88 2.65 -4.98
C VAL A 13 2.05 2.17 -3.53
N CYS A 14 3.05 1.39 -3.27
CA CYS A 14 3.27 0.89 -1.89
C CYS A 14 3.45 2.07 -0.94
C BH2 A 15 4.42 2.76 2.20
N BH2 A 15 3.08 1.91 0.31
O BH2 A 15 5.01 3.65 2.76
CA BH2 A 15 3.24 3.03 1.28
CB BH2 A 15 1.91 3.16 2.15
OB BH2 A 15 0.83 2.57 1.32
CG BH2 A 15 1.97 2.86 3.60
OD1 BH2 A 15 2.46 3.71 4.35
OD2 BH2 A 15 1.53 1.80 3.99
HA BH2 A 15 3.39 3.95 0.74
H2 BH2 A 15 2.72 1.05 0.60
HB BH2 A 15 1.73 4.08 2.39
HOB BH2 A 15 0.51 3.26 0.73
N GLY A 16 4.79 1.51 2.35
CA GLY A 16 5.94 1.17 3.23
C GLY A 16 5.75 -0.22 3.83
N ASN A 17 5.93 -0.35 5.12
CA ASN A 17 5.76 -1.69 5.76
C ASN A 17 4.50 -1.68 6.63
N DBB A 18 3.79 -2.77 6.68
CA DBB A 18 2.56 -2.82 7.51
C DBB A 18 1.45 -3.52 6.72
O DBB A 18 0.85 -4.48 7.18
CB DBB A 18 2.84 -3.60 8.80
CG DBB A 18 3.89 -2.85 9.62
H DBB A 18 4.07 -3.56 6.16
HA DBB A 18 2.25 -1.82 7.76
HB2 DBB A 18 1.93 -3.71 9.37
HG1 DBB A 18 4.80 -3.42 9.66
HG2 DBB A 18 4.08 -1.89 9.16
HG3 DBB A 18 3.51 -2.70 10.63
N LYS A 19 1.15 -3.03 5.54
CA LYS A 19 0.07 -3.67 4.73
C LYS A 19 0.54 -3.80 3.28
N LSP B . -0.98 4.16 -1.58
C12 LSP B . -0.58 5.42 -2.29
C11 LSP B . -0.53 6.59 -1.32
P LSP B . -0.64 9.13 -2.16
O12 LSP B . 0.70 9.21 -1.54
O14 LSP B . -1.62 10.19 -1.82
O11 LSP B . -0.47 9.05 -3.74
O13 LSP B . -1.29 7.69 -1.83
C1 LSP B . 0.49 8.16 -4.33
C2 LSP B . 0.00 7.69 -5.72
O21 LSP B . -1.41 7.54 -5.70
C3 LSP B . 0.40 8.64 -6.87
O31 LSP B . 1.02 7.90 -7.93
C31 LSP B . 1.07 8.60 -9.09
O32 LSP B . 1.65 9.66 -9.27
C32 LSP B . 0.29 7.84 -10.16
HN1 LSP B . -0.44 4.07 -0.70
HN2 LSP B . -2.00 4.19 -1.36
HN3 LSP B . -0.79 3.33 -2.19
H121 LSP B . -1.33 5.60 -3.10
H122 LSP B . 0.42 5.24 -2.76
H111 LSP B . -0.96 6.28 -0.35
H112 LSP B . 0.52 6.92 -1.16
H11 LSP B . 1.46 8.69 -4.43
H12 LSP B . 0.63 7.29 -3.66
H2 LSP B . 0.43 6.68 -5.90
H31 LSP B . -0.51 9.14 -7.26
H32 LSP B . 1.11 9.43 -6.52
H321 LSP B . -0.24 6.98 -9.71
H322 LSP B . 0.98 7.48 -10.95
H323 LSP B . -0.46 8.52 -10.62
N CYS A 1 2.88 -7.98 8.02
CA CYS A 1 2.13 -6.76 7.58
C CYS A 1 2.17 -6.66 6.05
N ARG A 2 1.06 -6.89 5.40
CA ARG A 2 1.05 -6.79 3.91
C ARG A 2 1.30 -5.34 3.51
N GLN A 3 2.34 -5.09 2.76
CA GLN A 3 2.63 -3.68 2.36
C GLN A 3 2.77 -3.60 0.84
N DAL A 4 1.68 -3.33 0.16
CA DAL A 4 1.69 -3.21 -1.34
CB DAL A 4 3.07 -2.77 -1.83
C DAL A 4 0.66 -2.16 -1.74
O DAL A 4 -0.16 -2.38 -2.61
H DAL A 4 0.84 -3.19 0.64
HA DAL A 4 1.44 -4.16 -1.77
HB1 DAL A 4 3.44 -1.96 -1.21
HB2 DAL A 4 3.77 -3.60 -1.76
N CYS A 5 0.68 -1.01 -1.12
CA CYS A 5 -0.30 0.05 -1.48
C CYS A 5 -1.67 -0.32 -0.89
N SER A 6 -1.89 0.02 0.35
CA SER A 6 -3.20 -0.32 0.98
C SER A 6 -4.03 0.95 1.15
N PHE A 7 -3.40 2.07 1.41
CA PHE A 7 -4.17 3.32 1.57
C PHE A 7 -4.03 4.20 0.32
N GLY A 8 -3.85 3.59 -0.82
CA GLY A 8 -3.70 4.39 -2.07
C GLY A 8 -5.01 4.34 -2.86
N PRO A 9 -5.32 5.43 -3.52
CA PRO A 9 -6.55 5.54 -4.32
C PRO A 9 -6.38 4.79 -5.65
N PHE A 10 -5.18 4.41 -5.98
CA PHE A 10 -4.96 3.67 -7.25
C PHE A 10 -4.62 2.20 -6.92
N DBB A 11 -3.44 1.95 -6.42
CA DBB A 11 -3.06 0.56 -6.07
C DBB A 11 -1.85 0.12 -6.90
O DBB A 11 -1.66 -1.04 -7.19
CB DBB A 11 -2.73 0.47 -4.58
CG DBB A 11 -3.82 1.18 -3.77
H DBB A 11 -2.81 2.68 -6.27
HA DBB A 11 -3.89 -0.10 -6.30
HB2 DBB A 11 -2.69 -0.57 -4.28
HG1 DBB A 11 -4.11 0.57 -2.93
HG2 DBB A 11 -3.44 2.13 -3.41
HG3 DBB A 11 -4.68 1.36 -4.40
N PHE A 12 -1.00 1.05 -7.27
CA PHE A 12 0.21 0.67 -8.07
C PHE A 12 1.46 1.24 -7.39
N VAL A 13 1.34 2.34 -6.70
CA VAL A 13 2.52 2.94 -6.02
C VAL A 13 3.08 1.94 -4.99
N CYS A 14 2.26 1.50 -4.08
CA CYS A 14 2.73 0.53 -3.05
C CYS A 14 3.54 1.28 -1.99
C BH2 A 15 3.00 2.37 1.36
N BH2 A 15 2.88 1.93 -1.07
O BH2 A 15 2.97 3.22 2.23
CA BH2 A 15 3.62 2.67 -0.01
CB BH2 A 15 3.54 4.22 -0.29
OB BH2 A 15 2.10 4.56 -0.26
CG BH2 A 15 4.52 5.14 0.35
OD1 BH2 A 15 5.65 5.19 -0.14
OD2 BH2 A 15 4.16 5.77 1.32
HA BH2 A 15 4.65 2.37 -0.01
H2 BH2 A 15 1.90 1.93 -1.08
HB BH2 A 15 3.95 4.46 -1.15
HOB BH2 A 15 1.92 5.17 -0.98
N GLY A 16 2.51 1.17 1.56
CA GLY A 16 1.90 0.83 2.87
C GLY A 16 3.00 0.46 3.87
N ASN A 17 2.84 0.83 5.11
CA ASN A 17 3.88 0.48 6.13
C ASN A 17 3.20 0.11 7.44
N DBB A 18 2.51 -1.00 7.49
CA DBB A 18 1.85 -1.41 8.76
C DBB A 18 0.35 -1.56 8.52
O DBB A 18 -0.45 -0.75 8.95
CB DBB A 18 2.44 -2.73 9.27
CG DBB A 18 3.63 -2.43 10.19
H DBB A 18 2.44 -1.56 6.69
HA DBB A 18 2.01 -0.64 9.51
HB2 DBB A 18 1.69 -3.26 9.83
HG1 DBB A 18 3.92 -1.39 10.07
HG2 DBB A 18 3.33 -2.59 11.22
HG3 DBB A 18 4.45 -3.07 9.94
N LYS A 19 -0.06 -2.61 7.85
CA LYS A 19 -1.51 -2.81 7.59
C LYS A 19 -2.14 -3.57 8.77
N LSP B . -0.19 3.67 -1.39
C12 LSP B . -0.26 4.88 -2.29
C11 LSP B . -0.56 6.12 -1.45
P LSP B . -0.83 8.47 -2.56
O12 LSP B . 0.05 9.61 -2.93
O14 LSP B . -1.92 8.72 -1.59
O11 LSP B . -1.42 7.81 -3.89
O13 LSP B . 0.10 7.27 -2.00
C1 LSP B . -0.56 7.27 -4.88
C2 LSP B . -1.26 7.27 -6.25
O21 LSP B . -2.63 6.91 -6.07
C3 LSP B . -1.18 8.61 -7.01
O31 LSP B . -0.27 8.47 -8.11
C31 LSP B . 0.19 9.65 -8.56
O32 LSP B . -0.49 10.53 -9.08
C32 LSP B . 1.69 9.72 -8.32
HN1 LSP B . 0.40 3.89 -0.54
HN2 LSP B . -1.15 3.41 -1.07
HN3 LSP B . 0.25 2.87 -1.90
H121 LSP B . -1.07 4.70 -3.03
H122 LSP B . 0.71 4.98 -2.81
H111 LSP B . -1.65 6.30 -1.39
H112 LSP B . -0.15 5.94 -0.43
H11 LSP B . 0.36 7.90 -4.94
H12 LSP B . -0.27 6.24 -4.60
H2 LSP B . -0.80 6.47 -6.87
H31 LSP B . -2.18 8.87 -7.40
H32 LSP B . -0.84 9.42 -6.32
H321 LSP B . 2.22 9.14 -9.09
H322 LSP B . 1.93 9.30 -7.31
H323 LSP B . 2.04 10.78 -8.36
N CYS A 1 6.53 -6.40 7.99
CA CYS A 1 5.16 -6.86 7.57
C CYS A 1 5.06 -6.81 6.04
N ARG A 2 3.87 -6.76 5.52
CA ARG A 2 3.70 -6.72 4.04
C ARG A 2 3.31 -5.30 3.63
N GLN A 3 3.81 -4.83 2.50
CA GLN A 3 3.47 -3.46 2.06
C GLN A 3 3.25 -3.44 0.55
N DAL A 4 2.04 -3.16 0.13
CA DAL A 4 1.71 -3.11 -1.34
CB DAL A 4 2.95 -2.76 -2.17
C DAL A 4 0.63 -2.05 -1.57
O DAL A 4 -0.22 -2.17 -2.42
H DAL A 4 1.33 -2.97 0.78
HA DAL A 4 1.33 -4.07 -1.65
HB1 DAL A 4 3.48 -1.94 -1.69
HB2 DAL A 4 3.60 -3.62 -2.21
N CYS A 5 0.67 -0.98 -0.80
CA CYS A 5 -0.36 0.10 -0.97
C CYS A 5 -1.70 -0.35 -0.39
N SER A 6 -2.11 0.26 0.68
CA SER A 6 -3.41 -0.13 1.31
C SER A 6 -4.34 1.08 1.33
N PHE A 7 -3.80 2.25 1.49
CA PHE A 7 -4.65 3.47 1.52
C PHE A 7 -4.26 4.40 0.36
N GLY A 8 -4.10 3.85 -0.81
CA GLY A 8 -3.71 4.70 -1.98
C GLY A 8 -4.93 4.90 -2.88
N PRO A 9 -4.89 5.94 -3.67
CA PRO A 9 -5.99 6.29 -4.59
C PRO A 9 -5.95 5.38 -5.83
N PHE A 10 -4.84 4.75 -6.07
CA PHE A 10 -4.74 3.84 -7.26
C PHE A 10 -4.58 2.40 -6.78
N DBB A 11 -3.48 2.07 -6.17
CA DBB A 11 -3.28 0.68 -5.68
C DBB A 11 -2.01 0.08 -6.28
O DBB A 11 -1.71 -1.08 -6.10
CB DBB A 11 -3.18 0.68 -4.15
CG DBB A 11 -4.29 1.58 -3.57
H DBB A 11 -2.78 2.75 -6.02
HA DBB A 11 -4.13 0.08 -5.98
HB2 DBB A 11 -3.31 -0.32 -3.78
HG1 DBB A 11 -3.94 2.60 -3.53
HG2 DBB A 11 -5.17 1.51 -4.20
HG3 DBB A 11 -4.53 1.25 -2.57
N PHE A 12 -1.24 0.88 -7.00
CA PHE A 12 0.01 0.34 -7.60
C PHE A 12 1.21 1.02 -6.95
N VAL A 13 1.04 2.21 -6.43
CA VAL A 13 2.18 2.92 -5.79
C VAL A 13 2.80 2.00 -4.73
N CYS A 14 2.00 1.19 -4.10
CA CYS A 14 2.54 0.27 -3.06
C CYS A 14 3.31 1.08 -2.01
C BH2 A 15 2.52 2.57 1.15
N BH2 A 15 2.62 1.84 -1.20
O BH2 A 15 1.62 3.34 1.40
CA BH2 A 15 3.30 2.64 -0.16
CB BH2 A 15 3.41 4.15 -0.64
OB BH2 A 15 3.06 4.97 0.53
CG BH2 A 15 4.53 4.56 -1.52
OD1 BH2 A 15 5.26 3.68 -1.97
OD2 BH2 A 15 4.67 5.74 -1.76
HA BH2 A 15 4.30 2.25 -0.01
H2 BH2 A 15 1.64 1.86 -1.28
HB BH2 A 15 2.82 4.32 -1.40
HOB BH2 A 15 2.30 5.53 0.30
N GLY A 16 2.84 1.62 1.99
CA GLY A 16 2.11 1.49 3.28
C GLY A 16 2.74 0.36 4.11
N ASN A 17 2.11 -0.03 5.19
CA ASN A 17 2.68 -1.12 6.03
C ASN A 17 1.55 -2.03 6.52
N DBB A 18 1.78 -3.31 6.56
CA DBB A 18 0.72 -4.26 7.03
C DBB A 18 0.17 -5.04 5.84
O DBB A 18 0.40 -6.23 5.73
CB DBB A 18 1.29 -5.24 8.06
CG DBB A 18 0.31 -5.35 9.24
H DBB A 18 2.65 -3.66 6.27
HA DBB A 18 -0.09 -3.69 7.47
HB2 DBB A 18 1.40 -6.21 7.60
HG1 DBB A 18 -0.30 -6.23 9.12
HG2 DBB A 18 0.87 -5.43 10.17
HG3 DBB A 18 -0.32 -4.48 9.27
N LYS A 19 -0.54 -4.40 4.95
CA LYS A 19 -1.08 -5.13 3.77
C LYS A 19 -0.01 -5.24 2.70
N LSP B . -0.48 3.51 -0.82
C12 LSP B . -0.09 4.93 -1.18
C11 LSP B . -0.78 5.91 -0.23
P LSP B . -0.59 8.53 -0.69
O12 LSP B . -0.10 9.62 0.18
O14 LSP B . -2.06 8.44 -0.90
O11 LSP B . 0.13 8.64 -2.12
O13 LSP B . -0.03 7.13 -0.15
C1 LSP B . -0.02 7.60 -3.09
C2 LSP B . -0.19 8.22 -4.48
O21 LSP B . -1.39 9.00 -4.52
C3 LSP B . 1.00 9.09 -4.91
O31 LSP B . 2.00 8.28 -5.57
C31 LSP B . 3.24 8.75 -5.44
O32 LSP B . 3.98 8.57 -4.48
C32 LSP B . 3.61 9.55 -6.68
HN1 LSP B . 0.12 2.85 -1.35
HN2 LSP B . -0.34 3.37 0.20
HN3 LSP B . -1.47 3.36 -1.07
H121 LSP B . -0.39 5.11 -2.23
H122 LSP B . 1.02 5.01 -1.10
H111 LSP B . -1.80 6.14 -0.61
H112 LSP B . -0.88 5.47 0.78
H11 LSP B . 0.88 6.95 -3.07
H12 LSP B . -0.91 6.98 -2.83
H2 LSP B . -0.30 7.40 -5.23
H31 LSP B . 0.66 9.88 -5.61
H32 LSP B . 1.43 9.59 -4.00
H321 LSP B . 4.71 9.58 -6.80
H322 LSP B . 3.24 10.58 -6.60
H323 LSP B . 3.17 9.07 -7.58
N CYS A 1 2.73 -10.99 5.23
CA CYS A 1 2.16 -9.62 5.12
C CYS A 1 2.58 -8.99 3.78
N ARG A 2 1.73 -8.19 3.20
CA ARG A 2 2.09 -7.55 1.90
C ARG A 2 1.55 -6.12 1.88
N GLN A 3 2.36 -5.16 2.22
CA GLN A 3 1.88 -3.75 2.22
C GLN A 3 2.35 -3.06 0.93
N DAL A 4 1.92 -3.56 -0.20
CA DAL A 4 2.30 -2.98 -1.51
CB DAL A 4 3.69 -2.32 -1.44
C DAL A 4 1.26 -1.94 -1.93
O DAL A 4 0.58 -2.11 -2.92
H DAL A 4 1.32 -4.33 -0.18
HA DAL A 4 2.33 -3.77 -2.25
HB1 DAL A 4 3.61 -1.36 -0.96
HB2 DAL A 4 4.36 -2.95 -0.85
N CYS A 5 1.13 -0.89 -1.17
CA CYS A 5 0.12 0.17 -1.50
C CYS A 5 -1.27 -0.30 -1.05
N SER A 6 -1.51 -0.30 0.24
CA SER A 6 -2.84 -0.73 0.75
C SER A 6 -3.62 0.47 1.26
N PHE A 7 -3.06 1.65 1.15
CA PHE A 7 -3.76 2.87 1.64
C PHE A 7 -3.87 3.91 0.52
N GLY A 8 -3.12 3.73 -0.53
CA GLY A 8 -3.18 4.71 -1.65
C GLY A 8 -4.55 4.64 -2.33
N PRO A 9 -4.87 5.67 -3.07
CA PRO A 9 -6.15 5.75 -3.79
C PRO A 9 -6.11 4.90 -5.07
N PHE A 10 -4.94 4.56 -5.53
CA PHE A 10 -4.84 3.73 -6.77
C PHE A 10 -4.42 2.30 -6.39
N DBB A 11 -3.14 2.06 -6.30
CA DBB A 11 -2.69 0.69 -5.93
C DBB A 11 -1.50 0.25 -6.80
O DBB A 11 -1.27 -0.93 -6.99
CB DBB A 11 -2.28 0.66 -4.45
CG DBB A 11 -3.36 1.38 -3.62
H DBB A 11 -2.48 2.77 -6.45
HA DBB A 11 -3.51 0.00 -6.08
HB2 DBB A 11 -2.21 -0.37 -4.12
HG1 DBB A 11 -4.32 0.94 -3.83
HG2 DBB A 11 -3.14 1.25 -2.57
HG3 DBB A 11 -3.36 2.42 -3.88
N PHE A 12 -0.75 1.17 -7.34
CA PHE A 12 0.40 0.77 -8.20
C PHE A 12 1.68 1.47 -7.72
N VAL A 13 1.63 2.15 -6.60
CA VAL A 13 2.85 2.84 -6.09
C VAL A 13 3.56 1.94 -5.08
N CYS A 14 2.81 1.31 -4.20
CA CYS A 14 3.45 0.42 -3.19
C CYS A 14 4.18 1.27 -2.15
C BH2 A 15 5.70 1.04 0.79
N BH2 A 15 3.89 1.07 -0.89
O BH2 A 15 6.76 1.54 1.08
CA BH2 A 15 4.56 1.87 0.17
CB BH2 A 15 3.52 2.26 1.28
OB BH2 A 15 2.26 2.55 0.58
CG BH2 A 15 3.49 1.47 2.55
OD1 BH2 A 15 4.34 1.68 3.39
OD2 BH2 A 15 2.59 0.65 2.68
HA BH2 A 15 4.98 2.77 -0.26
H2 BH2 A 15 3.21 0.41 -0.64
HB BH2 A 15 3.83 3.00 1.83
HOB BH2 A 15 2.48 3.03 -0.22
N GLY A 16 5.47 -0.23 1.00
CA GLY A 16 6.53 -1.09 1.61
C GLY A 16 5.95 -2.45 1.98
N ASN A 17 6.29 -2.95 3.14
CA ASN A 17 5.76 -4.28 3.57
C ASN A 17 5.40 -4.22 5.05
N DBB A 18 4.34 -4.88 5.45
CA DBB A 18 3.94 -4.86 6.89
C DBB A 18 2.44 -4.59 7.00
O DBB A 18 2.02 -3.65 7.64
CB DBB A 18 4.27 -6.20 7.53
CG DBB A 18 5.73 -6.21 7.99
H DBB A 18 3.81 -5.38 4.79
HA DBB A 18 4.49 -4.07 7.40
HB2 DBB A 18 3.62 -6.36 8.38
HG1 DBB A 18 6.36 -5.91 7.18
HG2 DBB A 18 5.85 -5.52 8.81
HG3 DBB A 18 6.01 -7.21 8.31
N LYS A 19 1.64 -5.39 6.36
CA LYS A 19 0.16 -5.17 6.44
C LYS A 19 -0.37 -5.72 7.77
N LSP B . 0.38 3.71 -1.17
C12 LSP B . 1.19 4.88 -1.67
C11 LSP B . 0.29 6.10 -1.89
P LSP B . 0.32 8.46 -3.04
O12 LSP B . 1.28 9.27 -3.83
O14 LSP B . -0.34 9.13 -1.89
O11 LSP B . -0.81 7.89 -4.03
O13 LSP B . 1.04 7.14 -2.53
C1 LSP B . -0.50 6.92 -5.03
C2 LSP B . -1.10 7.33 -6.41
O21 LSP B . -2.17 8.25 -6.25
C3 LSP B . -0.06 7.89 -7.39
O31 LSP B . 0.02 9.32 -7.27
C31 LSP B . 0.97 9.81 -8.08
O32 LSP B . 0.89 9.87 -9.30
C32 LSP B . 2.15 10.28 -7.25
HN1 LSP B . 0.20 3.82 -0.15
HN2 LSP B . -0.53 3.67 -1.68
HN3 LSP B . 0.90 2.82 -1.33
H121 LSP B . 1.67 4.57 -2.61
H122 LSP B . 1.97 5.11 -0.91
H111 LSP B . -0.57 5.81 -2.52
H112 LSP B . -0.10 6.47 -0.92
H11 LSP B . 0.59 6.80 -5.11
H12 LSP B . -0.94 5.95 -4.73
H2 LSP B . -1.54 6.41 -6.86
H31 LSP B . 0.94 7.45 -7.18
H32 LSP B . -0.36 7.64 -8.42
H321 LSP B . 2.63 9.41 -6.75
H322 LSP B . 1.82 10.99 -6.48
H323 LSP B . 2.91 10.78 -7.90
N CYS A 1 1.46 -4.55 9.39
CA CYS A 1 0.25 -4.40 8.53
C CYS A 1 0.60 -4.79 7.10
N ARG A 2 -0.01 -4.16 6.13
CA ARG A 2 0.28 -4.51 4.72
C ARG A 2 1.20 -3.45 4.11
N GLN A 3 2.18 -3.88 3.36
CA GLN A 3 3.12 -2.91 2.73
C GLN A 3 3.07 -3.06 1.22
N DAL A 4 1.91 -2.86 0.63
CA DAL A 4 1.73 -2.98 -0.86
CB DAL A 4 3.06 -2.70 -1.60
C DAL A 4 0.68 -1.96 -1.32
O DAL A 4 0.00 -2.16 -2.31
H DAL A 4 1.13 -2.61 1.18
HA DAL A 4 1.39 -3.98 -1.10
HB1 DAL A 4 3.48 -1.78 -1.24
HB2 DAL A 4 3.74 -3.51 -1.40
N CYS A 5 0.55 -0.86 -0.61
CA CYS A 5 -0.45 0.17 -1.01
C CYS A 5 -1.86 -0.33 -0.66
N SER A 6 -2.34 -0.02 0.50
CA SER A 6 -3.71 -0.47 0.90
C SER A 6 -4.60 0.74 1.16
N PHE A 7 -4.04 1.93 1.12
CA PHE A 7 -4.88 3.14 1.37
C PHE A 7 -4.65 4.16 0.25
N GLY A 8 -4.14 3.74 -0.86
CA GLY A 8 -3.90 4.68 -1.99
C GLY A 8 -5.13 4.69 -2.92
N PRO A 9 -5.20 5.72 -3.73
CA PRO A 9 -6.31 5.89 -4.70
C PRO A 9 -6.09 4.99 -5.92
N PHE A 10 -4.88 4.59 -6.17
CA PHE A 10 -4.60 3.72 -7.35
C PHE A 10 -4.37 2.27 -6.90
N DBB A 11 -3.44 2.07 -5.99
CA DBB A 11 -3.17 0.68 -5.52
C DBB A 11 -1.91 0.14 -6.20
O DBB A 11 -1.44 -0.93 -5.88
CB DBB A 11 -2.98 0.69 -4.00
CG DBB A 11 -4.12 1.48 -3.35
H DBB A 11 -2.93 2.82 -5.64
HA DBB A 11 -4.01 0.04 -5.77
HB2 DBB A 11 -2.99 -0.32 -3.63
HG1 DBB A 11 -4.70 0.82 -2.72
HG2 DBB A 11 -3.72 2.29 -2.76
HG3 DBB A 11 -4.76 1.89 -4.12
N PHE A 12 -1.36 0.87 -7.12
CA PHE A 12 -0.13 0.39 -7.81
C PHE A 12 1.11 1.09 -7.22
N VAL A 13 0.90 2.09 -6.41
CA VAL A 13 2.05 2.81 -5.80
C VAL A 13 2.72 1.91 -4.76
N CYS A 14 1.99 0.96 -4.24
CA CYS A 14 2.56 0.04 -3.22
C CYS A 14 3.39 0.84 -2.21
C BH2 A 15 2.64 2.60 0.84
N BH2 A 15 2.75 1.70 -1.45
O BH2 A 15 1.80 3.45 0.97
CA BH2 A 15 3.49 2.49 -0.44
CB BH2 A 15 3.79 3.93 -1.01
OB BH2 A 15 3.41 4.89 0.06
CG BH2 A 15 5.03 4.17 -1.78
OD1 BH2 A 15 5.00 4.98 -2.69
OD2 BH2 A 15 6.02 3.54 -1.47
HA BH2 A 15 4.43 2.01 -0.20
H2 BH2 A 15 1.79 1.80 -1.54
HB BH2 A 15 3.30 4.10 -1.84
HOB BH2 A 15 2.95 5.62 -0.35
N GLY A 16 2.86 1.70 1.77
CA GLY A 16 2.05 1.75 3.02
C GLY A 16 2.83 1.09 4.16
N ASN A 17 3.03 1.80 5.24
CA ASN A 17 3.78 1.22 6.39
C ASN A 17 2.90 1.25 7.64
N DBB A 18 1.62 1.07 7.47
CA DBB A 18 0.70 1.09 8.65
C DBB A 18 -0.71 1.49 8.19
O DBB A 18 -1.00 2.65 8.00
CB DBB A 18 0.67 -0.29 9.31
CG DBB A 18 1.82 -0.41 10.31
H DBB A 18 1.25 0.91 6.57
HA DBB A 18 1.06 1.82 9.37
HB2 DBB A 18 -0.26 -0.42 9.83
HG1 DBB A 18 2.07 0.59 10.68
HG2 DBB A 18 1.54 -1.04 11.13
HG3 DBB A 18 2.69 -0.82 9.82
N LYS A 19 -1.59 0.54 8.01
CA LYS A 19 -2.97 0.89 7.56
C LYS A 19 -3.83 1.23 8.78
N LSP B . -0.28 3.58 -0.89
C12 LSP B . -0.01 4.91 -1.53
C11 LSP B . -1.10 5.91 -1.11
P LSP B . -0.90 7.94 -2.77
O12 LSP B . -0.79 8.88 -1.63
O14 LSP B . -1.58 8.41 -4.00
O11 LSP B . 0.57 7.41 -3.14
O13 LSP B . -1.60 6.59 -2.26
C1 LSP B . 1.52 8.30 -3.71
C2 LSP B . 1.58 8.12 -5.23
O21 LSP B . 0.57 8.90 -5.84
C3 LSP B . 2.95 8.49 -5.83
O31 LSP B . 3.28 9.85 -5.51
C31 LSP B . 4.57 10.11 -5.78
O32 LSP B . 5.53 9.70 -5.15
C32 LSP B . 4.65 11.02 -7.00
HN1 LSP B . -0.91 3.71 -0.08
HN2 LSP B . -0.73 2.94 -1.58
HN3 LSP B . 0.62 3.16 -0.57
H121 LSP B . 0.00 4.76 -2.63
H122 LSP B . 0.99 5.26 -1.19
H111 LSP B . -1.93 5.36 -0.62
H112 LSP B . -0.68 6.65 -0.39
H11 LSP B . 1.25 9.35 -3.46
H12 LSP B . 2.53 8.09 -3.27
H2 LSP B . 1.38 7.05 -5.46
H31 LSP B . 3.72 7.80 -5.41
H32 LSP B . 2.92 8.39 -6.94
H321 LSP B . 5.22 10.52 -7.81
H322 LSP B . 5.16 11.97 -6.73
H323 LSP B . 3.62 11.25 -7.38
N CYS A 1 4.70 -7.21 8.32
CA CYS A 1 3.34 -7.22 7.73
C CYS A 1 3.42 -7.05 6.22
N ARG A 2 2.34 -7.25 5.52
CA ARG A 2 2.37 -7.09 4.05
C ARG A 2 2.32 -5.61 3.69
N GLN A 3 3.05 -5.21 2.69
CA GLN A 3 3.04 -3.77 2.30
C GLN A 3 3.02 -3.66 0.78
N DAL A 4 1.88 -3.33 0.22
CA DAL A 4 1.73 -3.19 -1.26
CB DAL A 4 3.05 -2.80 -1.92
C DAL A 4 0.69 -2.09 -1.54
O DAL A 4 -0.11 -2.19 -2.45
H DAL A 4 1.10 -3.18 0.80
HA DAL A 4 1.37 -4.12 -1.68
HB1 DAL A 4 3.49 -1.96 -1.41
HB2 DAL A 4 3.73 -3.65 -1.89
N CYS A 5 0.71 -1.04 -0.77
CA CYS A 5 -0.27 0.06 -0.99
C CYS A 5 -1.63 -0.37 -0.47
N SER A 6 -2.11 0.23 0.59
CA SER A 6 -3.43 -0.16 1.15
C SER A 6 -4.36 1.05 1.13
N PHE A 7 -3.82 2.24 1.19
CA PHE A 7 -4.67 3.46 1.17
C PHE A 7 -4.19 4.42 0.10
N GLY A 8 -4.32 4.05 -1.15
CA GLY A 8 -3.87 4.95 -2.25
C GLY A 8 -5.05 5.29 -3.17
N PRO A 9 -4.81 6.17 -4.10
CA PRO A 9 -5.84 6.60 -5.06
C PRO A 9 -6.02 5.54 -6.16
N PHE A 10 -5.06 4.68 -6.32
CA PHE A 10 -5.19 3.63 -7.38
C PHE A 10 -4.77 2.27 -6.79
N DBB A 11 -3.58 2.19 -6.26
CA DBB A 11 -3.12 0.91 -5.67
C DBB A 11 -1.88 0.42 -6.45
O DBB A 11 -1.63 -0.77 -6.54
CB DBB A 11 -2.78 1.13 -4.19
CG DBB A 11 -2.08 2.48 -4.03
H DBB A 11 -3.00 2.99 -6.24
HA DBB A 11 -3.91 0.17 -5.76
HB2 DBB A 11 -3.69 1.13 -3.62
HG1 DBB A 11 -2.73 3.26 -4.39
HG2 DBB A 11 -1.86 2.64 -2.98
HG3 DBB A 11 -1.17 2.49 -4.60
N PHE A 12 -1.12 1.31 -7.00
CA PHE A 12 0.09 0.90 -7.77
C PHE A 12 1.34 1.44 -7.09
N VAL A 13 1.20 2.45 -6.29
CA VAL A 13 2.39 3.01 -5.58
C VAL A 13 3.01 1.94 -4.69
N CYS A 14 2.20 1.30 -3.89
CA CYS A 14 2.74 0.23 -2.99
C CYS A 14 3.60 0.86 -1.89
C BH2 A 15 3.12 2.60 1.08
N BH2 A 15 3.14 1.92 -1.29
O BH2 A 15 3.13 3.57 1.81
CA BH2 A 15 3.94 2.56 -0.20
CB BH2 A 15 4.33 4.03 -0.64
OB BH2 A 15 3.07 4.81 -0.56
CG BH2 A 15 5.60 4.63 -0.12
OD1 BH2 A 15 6.21 4.01 0.73
OD2 BH2 A 15 5.94 5.70 -0.58
HA BH2 A 15 4.84 1.99 -0.04
H2 BH2 A 15 2.26 2.27 -1.52
HB BH2 A 15 4.73 4.06 -1.52
HOB BH2 A 15 2.35 4.24 -0.82
N GLY A 16 2.40 1.54 1.37
CA GLY A 16 1.58 1.52 2.61
C GLY A 16 2.22 0.59 3.63
N ASN A 17 1.89 0.75 4.88
CA ASN A 17 2.47 -0.13 5.94
C ASN A 17 1.37 -0.63 6.87
N DBB A 18 1.28 -1.92 7.05
CA DBB A 18 0.23 -2.47 7.95
C DBB A 18 -0.71 -3.37 7.13
O DBB A 18 -1.40 -4.21 7.67
CB DBB A 18 0.87 -3.29 9.07
CG DBB A 18 1.44 -2.36 10.13
H DBB A 18 1.91 -2.53 6.61
HA DBB A 18 -0.33 -1.66 8.39
HB2 DBB A 18 0.14 -3.94 9.51
HG1 DBB A 18 1.66 -2.93 11.03
HG2 DBB A 18 2.34 -1.90 9.78
HG3 DBB A 18 0.71 -1.59 10.36
N LYS A 19 -0.73 -3.18 5.84
CA LYS A 19 -1.63 -4.02 4.99
C LYS A 19 -0.85 -4.51 3.76
N LSP B . 0.10 3.70 -0.70
C12 LSP B . -0.07 4.92 -1.57
C11 LSP B . -0.51 6.11 -0.72
P LSP B . -0.81 8.28 -2.17
O12 LSP B . 0.13 8.94 -1.24
O14 LSP B . -1.94 9.08 -2.69
O11 LSP B . 0.01 7.65 -3.39
O13 LSP B . -1.38 6.96 -1.48
C1 LSP B . 0.58 8.52 -4.39
C2 LSP B . -0.01 8.20 -5.77
O21 LSP B . -1.24 8.88 -5.92
C3 LSP B . 0.92 8.61 -6.93
O31 LSP B . 1.20 10.01 -6.85
C31 LSP B . 2.46 10.40 -7.22
O32 LSP B . 3.51 9.87 -6.92
C32 LSP B . 2.34 11.67 -8.05
HN1 LSP B . -0.58 2.97 -0.99
HN2 LSP B . 1.07 3.33 -0.80
HN3 LSP B . -0.06 3.97 0.29
H121 LSP B . -0.82 4.68 -2.34
H122 LSP B . 0.91 5.13 -2.07
H111 LSP B . -1.05 5.75 0.18
H112 LSP B . 0.38 6.70 -0.40
H11 LSP B . 0.34 9.57 -4.13
H12 LSP B . 1.68 8.39 -4.41
H2 LSP B . -0.21 7.10 -5.84
H31 LSP B . 1.86 8.02 -6.86
H32 LSP B . 0.42 8.39 -7.90
H321 LSP B . 1.59 12.36 -7.60
H322 LSP B . 2.03 11.42 -9.08
H323 LSP B . 3.33 12.18 -8.08
N CYS A 1 2.03 -8.70 7.04
CA CYS A 1 1.62 -7.33 6.59
C CYS A 1 2.28 -7.02 5.25
N ARG A 2 3.55 -7.28 5.13
CA ARG A 2 4.25 -6.99 3.84
C ARG A 2 4.08 -5.50 3.51
N GLN A 3 4.40 -5.11 2.31
CA GLN A 3 4.27 -3.67 1.94
C GLN A 3 3.71 -3.56 0.53
N DAL A 4 2.49 -3.08 0.41
CA DAL A 4 1.83 -2.90 -0.93
CB DAL A 4 2.86 -2.67 -2.04
C DAL A 4 0.91 -1.68 -0.87
O DAL A 4 0.76 -1.06 0.17
H DAL A 4 2.00 -2.82 1.22
HA DAL A 4 1.24 -3.78 -1.16
HB1 DAL A 4 3.39 -3.60 -2.24
HB2 DAL A 4 2.35 -2.36 -2.94
N CYS A 5 0.30 -1.33 -1.96
CA CYS A 5 -0.61 -0.15 -1.95
C CYS A 5 -1.85 -0.45 -1.10
N SER A 6 -1.96 0.15 0.04
CA SER A 6 -3.14 -0.09 0.92
C SER A 6 -4.12 1.07 0.79
N PHE A 7 -3.69 2.26 1.08
CA PHE A 7 -4.60 3.43 0.98
C PHE A 7 -4.05 4.43 -0.04
N GLY A 8 -4.87 4.90 -0.94
CA GLY A 8 -4.39 5.87 -1.97
C GLY A 8 -5.40 5.91 -3.13
N PRO A 9 -5.24 6.89 -3.98
CA PRO A 9 -6.11 7.08 -5.15
C PRO A 9 -5.74 6.09 -6.26
N PHE A 10 -4.64 5.40 -6.11
CA PHE A 10 -4.22 4.42 -7.15
C PHE A 10 -4.47 3.00 -6.62
N DBB A 11 -3.49 2.42 -5.99
CA DBB A 11 -3.66 1.04 -5.46
C DBB A 11 -2.47 0.17 -5.88
O DBB A 11 -2.42 -1.01 -5.59
CB DBB A 11 -3.73 1.09 -3.93
CG DBB A 11 -4.82 2.09 -3.51
H DBB A 11 -2.64 2.90 -5.86
HA DBB A 11 -4.57 0.61 -5.85
HB2 DBB A 11 -3.99 0.11 -3.55
HG1 DBB A 11 -4.50 3.09 -3.78
HG2 DBB A 11 -5.73 1.86 -4.01
HG3 DBB A 11 -4.96 2.04 -2.44
N PHE A 12 -1.52 0.73 -6.58
CA PHE A 12 -0.35 -0.07 -7.02
C PHE A 12 0.93 0.77 -6.87
N VAL A 13 1.02 1.57 -5.83
CA VAL A 13 2.23 2.41 -5.65
C VAL A 13 2.88 2.07 -4.30
N CYS A 14 2.19 1.39 -3.45
CA CYS A 14 2.77 1.04 -2.12
C CYS A 14 3.09 2.34 -1.37
C BH2 A 15 4.35 3.26 1.76
N BH2 A 15 2.98 2.32 -0.06
O BH2 A 15 5.11 4.13 2.15
CA BH2 A 15 3.28 3.56 0.72
CB BH2 A 15 1.96 4.06 1.43
OB BH2 A 15 1.35 5.05 0.51
CG BH2 A 15 1.08 3.07 2.12
OD1 BH2 A 15 0.26 2.46 1.45
OD2 BH2 A 15 1.23 2.91 3.33
HA BH2 A 15 3.62 4.33 0.05
H2 BH2 A 15 2.70 1.51 0.40
HB BH2 A 15 2.14 4.43 2.31
HOB BH2 A 15 0.53 5.35 0.90
N GLY A 16 4.43 2.04 2.23
CA GLY A 16 5.46 1.70 3.25
C GLY A 16 5.21 0.30 3.79
N ASN A 17 5.67 0.03 4.99
CA ASN A 17 5.45 -1.32 5.58
C ASN A 17 4.32 -1.27 6.58
N DBB A 18 3.60 -2.36 6.75
CA DBB A 18 2.48 -2.36 7.73
C DBB A 18 1.17 -2.64 6.99
O DBB A 18 0.10 -2.60 7.56
CB DBB A 18 2.72 -3.45 8.77
CG DBB A 18 3.81 -3.00 9.74
H DBB A 18 3.81 -3.16 6.24
HA DBB A 18 2.42 -1.40 8.22
HB2 DBB A 18 1.81 -3.65 9.31
HG1 DBB A 18 4.32 -3.86 10.14
HG2 DBB A 18 4.52 -2.37 9.22
HG3 DBB A 18 3.36 -2.44 10.54
N LYS A 19 1.24 -2.93 5.71
CA LYS A 19 0.00 -3.20 4.93
C LYS A 19 0.37 -3.59 3.51
N LSP B . -0.78 4.34 -1.86
C12 LSP B . -0.35 5.42 -2.82
C11 LSP B . -0.38 6.78 -2.11
P LSP B . -0.99 9.26 -2.90
O12 LSP B . -0.46 9.74 -1.61
O14 LSP B . -2.23 9.90 -3.40
O11 LSP B . 0.15 9.38 -4.02
O13 LSP B . -1.25 7.67 -2.81
C1 LSP B . 0.36 8.51 -5.14
C2 LSP B . 1.61 7.61 -5.00
O21 LSP B . 2.07 7.27 -6.30
C3 LSP B . 2.80 8.17 -4.19
O31 LSP B . 3.27 7.16 -3.28
C31 LSP B . 4.60 7.14 -3.11
O32 LSP B . 5.41 6.59 -3.84
C32 LSP B . 4.96 7.90 -1.84
HN1 LSP B . -0.84 3.43 -2.37
HN2 LSP B . -0.08 4.25 -1.10
HN3 LSP B . -1.71 4.58 -1.46
H121 LSP B . -1.05 5.42 -3.68
H122 LSP B . 0.67 5.17 -3.18
H111 LSP B . -0.74 6.65 -1.07
H112 LSP B . 0.65 7.21 -2.09
H11 LSP B . -0.54 7.87 -5.26
H12 LSP B . 0.47 9.11 -6.07
H2 LSP B . 1.29 6.66 -4.52
H31 LSP B . 3.60 8.50 -4.90
H32 LSP B . 2.46 9.05 -3.62
H321 LSP B . 5.87 7.47 -1.36
H322 LSP B . 4.13 7.85 -1.13
H323 LSP B . 5.16 8.96 -2.08
#